data_2XVD
#
_entry.id   2XVD
#
_cell.length_a   46.708
_cell.length_b   53.315
_cell.length_c   61.330
_cell.angle_alpha   90.00
_cell.angle_beta   111.75
_cell.angle_gamma   90.00
#
_symmetry.space_group_name_H-M   'P 1 21 1'
#
loop_
_entity.id
_entity.type
_entity.pdbx_description
1 polymer 'EPHRIN TYPE-B RECEPTOR 4'
2 non-polymer {4-METHYL-3-[(1-METHYLETHYL)(2-{[3-(METHYLSULFONYL)-5-MORPHOLIN-4-YLPHENYL]AMINO}PYRIMIDIN-4-YL)AMINO]PHENYL}METHANOL
3 non-polymer 'MAGNESIUM ION'
4 water water
#
_entity_poly.entity_id   1
_entity_poly.type   'polypeptide(L)'
_entity_poly.pdbx_seq_one_letter_code
;DPNEAVREFAKEIDVSYVKIEEVIGAGEFGEVCRGRLKAPGKKESCVAIKTLKGGYTERQRREFLSEASIMGQFEHPNII
RLEGVVTNSMPVMILTEFMENGALDSFLRLNDGQFTVIQLVGMLRGIASGMRYLAEMSYVHRDLAARNILVNSNLVCKVS
DFGLSRFLEENSSDPTETSSLGGKIPIRWTAPEAIAFRKFTSASDAWSYGIVMWEVMSFGERPYWDMSNQDVINAIEQDY
RLPPPPDCPTSLHQLMLDCWQKDRNARPRFPQVVSALDKMIRNPASLKIVARENGGASHPLL
;
_entity_poly.pdbx_strand_id   A
#
# COMPACT_ATOMS: atom_id res chain seq x y z
N ALA A 10 -15.20 -14.51 10.65
CA ALA A 10 -14.00 -15.29 11.06
C ALA A 10 -13.07 -14.45 11.96
N LYS A 11 -12.39 -15.14 12.88
CA LYS A 11 -11.44 -14.55 13.82
C LYS A 11 -12.08 -13.51 14.78
N GLU A 12 -13.31 -13.75 15.21
CA GLU A 12 -13.83 -12.98 16.34
C GLU A 12 -12.97 -13.38 17.54
N ILE A 13 -12.43 -12.41 18.27
CA ILE A 13 -11.67 -12.75 19.48
C ILE A 13 -12.14 -12.00 20.72
N ASP A 14 -12.08 -12.75 21.82
CA ASP A 14 -12.43 -12.30 23.15
C ASP A 14 -11.52 -11.13 23.52
N VAL A 15 -12.11 -10.00 23.87
CA VAL A 15 -11.34 -8.81 24.25
C VAL A 15 -10.39 -9.05 25.45
N SER A 16 -10.66 -10.08 26.25
CA SER A 16 -9.78 -10.47 27.38
C SER A 16 -8.39 -10.95 26.92
N TYR A 17 -8.28 -11.35 25.65
CA TYR A 17 -7.02 -11.85 25.08
C TYR A 17 -6.09 -10.75 24.56
N VAL A 18 -6.59 -9.52 24.54
CA VAL A 18 -5.86 -8.37 24.01
C VAL A 18 -5.40 -7.46 25.15
N LYS A 19 -4.11 -7.18 25.21
CA LYS A 19 -3.58 -6.15 26.10
C LYS A 19 -3.11 -4.98 25.22
N ILE A 20 -3.75 -3.81 25.35
CA ILE A 20 -3.36 -2.64 24.57
C ILE A 20 -2.14 -1.96 25.22
N GLU A 21 -1.05 -1.83 24.45
CA GLU A 21 0.12 -1.03 24.85
C GLU A 21 -0.02 0.39 24.20
N GLU A 22 1.08 0.94 23.67
CA GLU A 22 1.15 2.35 23.23
C GLU A 22 0.16 2.72 22.10
N VAL A 23 -0.23 4.00 22.06
CA VAL A 23 -0.89 4.59 20.89
C VAL A 23 0.23 4.99 19.92
N ILE A 24 0.22 4.42 18.71
CA ILE A 24 1.37 4.53 17.79
C ILE A 24 1.07 5.36 16.52
N GLY A 25 -0.21 5.64 16.28
CA GLY A 25 -0.62 6.46 15.14
C GLY A 25 -2.01 7.02 15.30
N ALA A 26 -2.38 7.90 14.38
CA ALA A 26 -3.75 8.41 14.28
C ALA A 26 -4.37 7.79 13.02
N GLY A 27 -5.38 6.96 13.21
CA GLY A 27 -6.05 6.29 12.09
C GLY A 27 -7.13 7.18 11.50
N GLU A 28 -7.62 6.80 10.32
CA GLU A 28 -8.61 7.62 9.61
C GLU A 28 -9.96 7.74 10.36
N PHE A 29 -10.27 6.77 11.23
CA PHE A 29 -11.55 6.72 11.99
C PHE A 29 -11.39 6.42 13.50
N GLY A 30 -10.16 6.54 14.02
CA GLY A 30 -9.89 6.26 15.43
C GLY A 30 -8.39 6.15 15.70
N GLU A 31 -8.02 5.69 16.88
CA GLU A 31 -6.60 5.53 17.24
C GLU A 31 -5.96 4.28 16.59
N VAL A 32 -4.64 4.31 16.45
CA VAL A 32 -3.87 3.13 16.10
C VAL A 32 -2.97 2.81 17.30
N CYS A 33 -3.08 1.58 17.77
CA CYS A 33 -2.32 1.12 18.94
C CYS A 33 -1.46 -0.09 18.62
N ARG A 34 -0.44 -0.29 19.45
CA ARG A 34 0.35 -1.53 19.51
C ARG A 34 -0.11 -2.28 20.76
N GLY A 35 -0.30 -3.59 20.62
CA GLY A 35 -0.79 -4.42 21.70
C GLY A 35 -0.21 -5.82 21.66
N ARG A 36 -0.73 -6.67 22.53
CA ARG A 36 -0.32 -8.06 22.64
C ARG A 36 -1.58 -8.92 22.60
N LEU A 37 -1.54 -9.96 21.78
CA LEU A 37 -2.64 -10.91 21.68
C LEU A 37 -2.11 -12.24 22.23
N LYS A 38 -2.81 -12.77 23.24
CA LYS A 38 -2.50 -14.10 23.80
C LYS A 38 -3.80 -14.89 23.91
N ALA A 39 -3.96 -15.87 23.00
CA ALA A 39 -5.12 -16.79 22.95
C ALA A 39 -4.76 -18.21 23.47
N PRO A 40 -5.71 -18.91 24.13
CA PRO A 40 -5.40 -20.29 24.63
C PRO A 40 -4.82 -21.18 23.54
N GLY A 41 -3.71 -21.87 23.82
CA GLY A 41 -3.07 -22.78 22.84
C GLY A 41 -2.14 -22.14 21.79
N LYS A 42 -2.04 -20.82 21.81
CA LYS A 42 -1.21 -20.08 20.85
C LYS A 42 -0.19 -19.25 21.60
N LYS A 43 1.00 -19.10 20.99
CA LYS A 43 2.04 -18.21 21.53
C LYS A 43 1.55 -16.75 21.47
N GLU A 44 2.03 -15.92 22.38
CA GLU A 44 1.69 -14.49 22.39
C GLU A 44 2.30 -13.81 21.16
N SER A 45 1.55 -12.89 20.55
CA SER A 45 2.05 -12.15 19.38
C SER A 45 1.87 -10.64 19.55
N CYS A 46 2.72 -9.86 18.88
CA CYS A 46 2.53 -8.40 18.83
C CYS A 46 1.47 -8.14 17.79
N VAL A 47 0.52 -7.27 18.12
CA VAL A 47 -0.50 -6.87 17.15
C VAL A 47 -0.54 -5.36 17.00
N ALA A 48 -0.95 -4.92 15.80
CA ALA A 48 -1.40 -3.56 15.60
C ALA A 48 -2.93 -3.57 15.72
N ILE A 49 -3.49 -2.48 16.26
CA ILE A 49 -4.91 -2.41 16.60
C ILE A 49 -5.52 -1.13 16.01
N LYS A 50 -6.59 -1.32 15.24
CA LYS A 50 -7.38 -0.22 14.67
C LYS A 50 -8.72 -0.18 15.39
N THR A 51 -9.09 0.98 15.91
CA THR A 51 -10.35 1.14 16.65
C THR A 51 -11.36 2.02 15.90
N LEU A 52 -12.65 1.77 16.14
CA LEU A 52 -13.74 2.63 15.64
C LEU A 52 -14.36 3.36 16.81
N TYR A 56 -20.96 6.49 15.31
CA TYR A 56 -20.95 5.92 13.96
C TYR A 56 -22.29 5.29 13.61
N THR A 57 -22.63 5.28 12.31
CA THR A 57 -23.83 4.57 11.81
C THR A 57 -23.55 3.06 11.65
N GLU A 58 -24.61 2.25 11.50
CA GLU A 58 -24.43 0.82 11.24
C GLU A 58 -23.74 0.61 9.88
N ARG A 59 -24.10 1.43 8.89
CA ARG A 59 -23.44 1.43 7.59
C ARG A 59 -21.92 1.64 7.74
N GLN A 60 -21.54 2.57 8.60
CA GLN A 60 -20.13 2.88 8.85
C GLN A 60 -19.40 1.76 9.59
N ARG A 61 -20.12 1.10 10.51
CA ARG A 61 -19.57 -0.06 11.21
C ARG A 61 -19.35 -1.19 10.21
N ARG A 62 -20.32 -1.43 9.35
CA ARG A 62 -20.19 -2.47 8.32
C ARG A 62 -19.08 -2.17 7.30
N GLU A 63 -18.92 -0.89 6.94
CA GLU A 63 -17.81 -0.46 6.10
C GLU A 63 -16.43 -0.64 6.80
N PHE A 64 -16.36 -0.23 8.06
CA PHE A 64 -15.16 -0.42 8.90
C PHE A 64 -14.73 -1.89 8.92
N LEU A 65 -15.69 -2.75 9.23
CA LEU A 65 -15.45 -4.19 9.39
C LEU A 65 -15.23 -4.91 8.07
N SER A 66 -15.72 -4.31 6.97
CA SER A 66 -15.46 -4.85 5.62
C SER A 66 -13.96 -5.04 5.37
N GLU A 67 -13.12 -4.20 6.00
CA GLU A 67 -11.66 -4.34 5.87
C GLU A 67 -11.21 -5.70 6.39
N ALA A 68 -11.72 -6.06 7.56
CA ALA A 68 -11.42 -7.34 8.19
C ALA A 68 -11.97 -8.51 7.37
N SER A 69 -13.21 -8.38 6.87
CA SER A 69 -13.82 -9.41 6.00
C SER A 69 -12.94 -9.77 4.82
N ILE A 70 -12.44 -8.75 4.13
CA ILE A 70 -11.58 -9.02 2.98
C ILE A 70 -10.16 -9.45 3.37
N MET A 71 -9.57 -8.80 4.38
CA MET A 71 -8.22 -9.14 4.81
C MET A 71 -8.14 -10.61 5.24
N GLY A 72 -9.18 -11.08 5.93
CA GLY A 72 -9.27 -12.43 6.47
C GLY A 72 -9.28 -13.51 5.40
N GLN A 73 -9.60 -13.11 4.17
CA GLN A 73 -9.60 -14.00 3.01
C GLN A 73 -8.31 -14.00 2.19
N PHE A 74 -7.34 -13.16 2.58
CA PHE A 74 -6.04 -13.12 1.91
C PHE A 74 -5.01 -13.84 2.78
N GLU A 75 -4.04 -14.44 2.13
CA GLU A 75 -2.95 -15.10 2.79
C GLU A 75 -1.76 -15.04 1.82
N HIS A 76 -0.82 -14.15 2.13
CA HIS A 76 0.31 -13.91 1.27
C HIS A 76 1.33 -13.17 2.09
N PRO A 77 2.62 -13.46 1.88
CA PRO A 77 3.65 -12.80 2.70
C PRO A 77 3.79 -11.29 2.52
N ASN A 78 3.26 -10.75 1.43
CA ASN A 78 3.29 -9.31 1.17
C ASN A 78 1.92 -8.65 1.29
N ILE A 79 1.04 -9.29 2.06
CA ILE A 79 -0.27 -8.74 2.38
C ILE A 79 -0.40 -8.81 3.91
N ILE A 80 -0.81 -7.71 4.54
CA ILE A 80 -0.89 -7.62 6.00
C ILE A 80 -1.88 -8.70 6.51
N ARG A 81 -1.47 -9.44 7.52
CA ARG A 81 -2.26 -10.54 8.04
C ARG A 81 -3.23 -10.06 9.11
N LEU A 82 -4.49 -10.47 8.97
CA LEU A 82 -5.52 -10.22 9.97
C LEU A 82 -5.34 -11.21 11.13
N GLU A 83 -5.29 -10.70 12.36
CA GLU A 83 -5.30 -11.57 13.56
C GLU A 83 -6.72 -11.83 14.04
N GLY A 84 -7.56 -10.80 14.00
CA GLY A 84 -8.96 -10.94 14.38
C GLY A 84 -9.68 -9.62 14.52
N VAL A 85 -10.94 -9.70 14.96
CA VAL A 85 -11.74 -8.51 15.25
C VAL A 85 -12.42 -8.65 16.64
N VAL A 86 -12.71 -7.50 17.24
CA VAL A 86 -13.55 -7.46 18.43
C VAL A 86 -14.79 -6.69 18.00
N THR A 87 -15.92 -7.41 17.90
CA THR A 87 -17.21 -6.83 17.48
C THR A 87 -18.30 -7.04 18.55
N ASN A 88 -18.36 -8.22 19.15
CA ASN A 88 -19.35 -8.53 20.22
C ASN A 88 -18.98 -7.84 21.55
N SER A 89 -18.54 -6.59 21.44
CA SER A 89 -17.94 -5.78 22.52
C SER A 89 -17.55 -4.45 21.88
N MET A 90 -17.74 -3.34 22.60
CA MET A 90 -17.35 -2.03 22.08
C MET A 90 -16.15 -1.52 22.91
N PRO A 91 -15.26 -0.72 22.30
CA PRO A 91 -15.17 -0.28 20.90
C PRO A 91 -14.76 -1.40 19.94
N VAL A 92 -15.30 -1.35 18.71
CA VAL A 92 -14.97 -2.35 17.70
C VAL A 92 -13.49 -2.21 17.33
N MET A 93 -12.80 -3.34 17.17
CA MET A 93 -11.38 -3.30 16.86
C MET A 93 -11.05 -4.25 15.72
N ILE A 94 -10.05 -3.86 14.92
CA ILE A 94 -9.40 -4.76 13.95
C ILE A 94 -7.95 -4.97 14.42
N LEU A 95 -7.57 -6.23 14.60
CA LEU A 95 -6.21 -6.58 15.01
C LEU A 95 -5.44 -7.23 13.84
N THR A 96 -4.26 -6.71 13.54
CA THR A 96 -3.38 -7.30 12.51
C THR A 96 -2.00 -7.63 13.08
N GLU A 97 -1.17 -8.33 12.30
CA GLU A 97 0.23 -8.49 12.63
C GLU A 97 0.85 -7.10 12.82
N PHE A 98 1.86 -6.99 13.66
CA PHE A 98 2.49 -5.70 13.95
C PHE A 98 3.68 -5.53 13.00
N MET A 99 3.75 -4.36 12.38
CA MET A 99 4.78 -4.00 11.44
C MET A 99 5.61 -2.89 12.09
N GLU A 100 6.78 -3.29 12.52
CA GLU A 100 7.61 -2.54 13.47
C GLU A 100 8.08 -1.20 12.88
N ASN A 101 8.28 -1.15 11.55
CA ASN A 101 8.75 0.07 10.88
C ASN A 101 7.68 0.97 10.27
N GLY A 102 6.42 0.59 10.50
CA GLY A 102 5.31 1.42 10.11
C GLY A 102 5.21 1.68 8.61
N ALA A 103 4.68 2.84 8.23
CA ALA A 103 4.42 3.18 6.84
C ALA A 103 5.72 3.44 6.03
N LEU A 104 5.78 2.89 4.82
CA LEU A 104 6.99 2.98 3.98
C LEU A 104 7.45 4.40 3.62
N ASP A 105 6.52 5.31 3.32
CA ASP A 105 6.91 6.66 2.94
C ASP A 105 7.65 7.36 4.10
N SER A 106 7.12 7.28 5.31
CA SER A 106 7.76 7.91 6.44
C SER A 106 9.03 7.19 6.83
N PHE A 107 9.00 5.85 6.76
CA PHE A 107 10.19 5.02 7.03
C PHE A 107 11.35 5.42 6.10
N LEU A 108 11.05 5.63 4.81
CA LEU A 108 12.09 6.03 3.86
C LEU A 108 12.56 7.46 4.09
N ARG A 109 11.65 8.38 4.44
CA ARG A 109 12.06 9.72 4.82
C ARG A 109 13.03 9.73 6.00
N LEU A 110 12.75 8.90 7.01
CA LEU A 110 13.63 8.76 8.17
C LEU A 110 15.04 8.20 7.80
N ASN A 111 15.07 7.39 6.74
CA ASN A 111 16.23 6.67 6.27
C ASN A 111 16.71 7.15 4.90
N ASP A 112 16.50 8.42 4.64
CA ASP A 112 16.79 9.00 3.33
C ASP A 112 18.24 8.73 2.92
N GLY A 113 18.37 8.12 1.75
CA GLY A 113 19.68 7.81 1.17
C GLY A 113 20.42 6.68 1.84
N GLN A 114 19.76 5.94 2.76
CA GLN A 114 20.48 4.99 3.64
C GLN A 114 20.34 3.53 3.28
N PHE A 115 19.50 3.26 2.30
CA PHE A 115 19.33 1.89 1.77
C PHE A 115 19.85 1.88 0.34
N THR A 116 20.46 0.74 -0.02
CA THR A 116 20.98 0.55 -1.35
C THR A 116 19.87 0.37 -2.39
N VAL A 117 20.22 0.61 -3.65
CA VAL A 117 19.31 0.38 -4.76
C VAL A 117 18.79 -1.07 -4.70
N ILE A 118 19.65 -2.04 -4.42
CA ILE A 118 19.20 -3.46 -4.35
C ILE A 118 18.18 -3.69 -3.22
N GLN A 119 18.38 -3.03 -2.09
CA GLN A 119 17.39 -3.07 -1.02
C GLN A 119 16.08 -2.45 -1.46
N LEU A 120 16.13 -1.29 -2.11
CA LEU A 120 14.90 -0.62 -2.56
C LEU A 120 14.15 -1.48 -3.57
N VAL A 121 14.90 -2.18 -4.43
CA VAL A 121 14.28 -3.02 -5.47
C VAL A 121 13.61 -4.21 -4.78
N GLY A 122 14.21 -4.75 -3.70
CA GLY A 122 13.60 -5.85 -2.95
C GLY A 122 12.28 -5.42 -2.33
N MET A 123 12.24 -4.20 -1.79
CA MET A 123 11.01 -3.64 -1.27
C MET A 123 9.93 -3.55 -2.37
N LEU A 124 10.31 -3.01 -3.52
CA LEU A 124 9.38 -2.87 -4.66
C LEU A 124 8.91 -4.25 -5.17
N ARG A 125 9.80 -5.22 -5.11
CA ARG A 125 9.45 -6.58 -5.53
C ARG A 125 8.39 -7.20 -4.61
N GLY A 126 8.56 -6.98 -3.31
CA GLY A 126 7.59 -7.42 -2.32
C GLY A 126 6.25 -6.77 -2.58
N ILE A 127 6.23 -5.45 -2.77
CA ILE A 127 4.97 -4.77 -3.02
C ILE A 127 4.30 -5.33 -4.32
N ALA A 128 5.12 -5.49 -5.35
CA ALA A 128 4.66 -6.05 -6.66
C ALA A 128 4.10 -7.47 -6.53
N SER A 129 4.74 -8.30 -5.71
CA SER A 129 4.20 -9.63 -5.41
C SER A 129 2.86 -9.56 -4.67
N GLY A 130 2.76 -8.68 -3.68
CA GLY A 130 1.47 -8.46 -3.02
C GLY A 130 0.41 -8.07 -4.04
N MET A 131 0.73 -7.10 -4.93
CA MET A 131 -0.22 -6.70 -5.95
C MET A 131 -0.59 -7.79 -6.99
N ARG A 132 0.40 -8.59 -7.36
CA ARG A 132 0.21 -9.75 -8.25
C ARG A 132 -0.85 -10.69 -7.69
N TYR A 133 -0.75 -10.96 -6.40
CA TYR A 133 -1.71 -11.76 -5.67
C TYR A 133 -3.12 -11.13 -5.63
N LEU A 134 -3.20 -9.84 -5.30
CA LEU A 134 -4.48 -9.18 -5.28
C LEU A 134 -5.14 -9.22 -6.66
N ALA A 135 -4.34 -8.96 -7.72
CA ALA A 135 -4.84 -9.01 -9.09
C ALA A 135 -5.32 -10.42 -9.42
N GLU A 136 -4.58 -11.44 -8.98
CA GLU A 136 -4.98 -12.84 -9.18
C GLU A 136 -6.32 -13.18 -8.50
N MET A 137 -6.57 -12.55 -7.35
CA MET A 137 -7.85 -12.68 -6.59
C MET A 137 -8.97 -11.73 -7.09
N SER A 138 -8.73 -11.02 -8.21
CA SER A 138 -9.62 -9.99 -8.75
C SER A 138 -9.98 -8.89 -7.74
N TYR A 139 -9.04 -8.59 -6.84
CA TYR A 139 -9.21 -7.50 -5.92
C TYR A 139 -8.46 -6.31 -6.45
N VAL A 140 -9.19 -5.21 -6.66
CA VAL A 140 -8.60 -3.97 -7.16
C VAL A 140 -8.43 -3.09 -5.96
N HIS A 141 -7.21 -2.59 -5.75
CA HIS A 141 -6.91 -1.94 -4.50
C HIS A 141 -7.47 -0.50 -4.42
N ARG A 142 -7.22 0.28 -5.48
CA ARG A 142 -7.71 1.66 -5.68
C ARG A 142 -6.95 2.76 -4.89
N ASP A 143 -6.24 2.41 -3.83
CA ASP A 143 -5.48 3.40 -3.07
C ASP A 143 -4.04 2.94 -2.84
N LEU A 144 -3.41 2.42 -3.88
CA LEU A 144 -2.03 1.92 -3.75
C LEU A 144 -1.05 3.13 -3.73
N ALA A 145 -0.37 3.28 -2.61
CA ALA A 145 0.48 4.45 -2.30
C ALA A 145 1.49 3.98 -1.24
N ALA A 146 2.66 4.60 -1.19
CA ALA A 146 3.68 4.19 -0.20
C ALA A 146 3.19 4.26 1.24
N ARG A 147 2.29 5.24 1.53
CA ARG A 147 1.69 5.38 2.85
C ARG A 147 0.85 4.18 3.27
N ASN A 148 0.38 3.38 2.30
CA ASN A 148 -0.38 2.16 2.55
C ASN A 148 0.46 0.88 2.45
N ILE A 149 1.78 1.04 2.36
CA ILE A 149 2.70 -0.08 2.47
C ILE A 149 3.33 -0.07 3.86
N LEU A 150 3.26 -1.20 4.54
CA LEU A 150 3.84 -1.33 5.91
C LEU A 150 5.07 -2.19 5.87
N VAL A 151 6.01 -1.88 6.76
CA VAL A 151 7.34 -2.45 6.74
C VAL A 151 7.67 -3.13 8.08
N ASN A 152 8.09 -4.40 8.03
CA ASN A 152 8.47 -5.11 9.25
C ASN A 152 9.98 -4.94 9.57
N SER A 153 10.43 -5.55 10.67
CA SER A 153 11.80 -5.37 11.11
C SER A 153 12.86 -5.91 10.12
N ASN A 154 12.48 -6.87 9.27
CA ASN A 154 13.36 -7.40 8.21
C ASN A 154 13.20 -6.70 6.85
N LEU A 155 12.53 -5.55 6.85
CA LEU A 155 12.30 -4.71 5.66
C LEU A 155 11.32 -5.33 4.65
N VAL A 156 10.57 -6.34 5.07
CA VAL A 156 9.53 -6.92 4.25
C VAL A 156 8.39 -5.91 4.18
N CYS A 157 8.00 -5.60 2.94
CA CYS A 157 6.92 -4.67 2.62
C CYS A 157 5.62 -5.43 2.37
N LYS A 158 4.55 -4.95 3.01
CA LYS A 158 3.24 -5.57 2.91
C LYS A 158 2.21 -4.53 2.53
N VAL A 159 1.40 -4.88 1.53
CA VAL A 159 0.25 -4.06 1.17
C VAL A 159 -0.83 -4.03 2.29
N SER A 160 -1.34 -2.83 2.56
CA SER A 160 -2.43 -2.65 3.52
C SER A 160 -3.48 -1.71 2.94
N ASP A 161 -4.53 -1.51 3.73
CA ASP A 161 -5.63 -0.58 3.49
C ASP A 161 -6.62 -1.24 2.55
N PHE A 162 -7.51 -2.01 3.13
CA PHE A 162 -8.45 -2.81 2.36
C PHE A 162 -9.86 -2.44 2.79
N GLY A 163 -10.80 -2.87 1.97
CA GLY A 163 -12.18 -2.75 2.31
C GLY A 163 -13.02 -2.73 1.07
N LEU A 164 -14.33 -2.76 1.29
CA LEU A 164 -15.29 -2.95 0.22
C LEU A 164 -16.16 -1.70 0.04
N SER A 165 -15.78 -0.61 0.71
CA SER A 165 -16.44 0.70 0.52
C SER A 165 -16.04 1.30 -0.83
N ARG A 166 -16.87 2.19 -1.36
CA ARG A 166 -16.58 2.98 -2.57
C ARG A 166 -16.16 4.38 -2.16
N PHE A 167 -15.44 5.06 -3.05
CA PHE A 167 -15.01 6.44 -2.80
C PHE A 167 -16.25 7.34 -2.82
N LEU A 168 -16.13 8.52 -2.21
CA LEU A 168 -17.18 9.56 -2.29
C LEU A 168 -17.41 9.96 -3.77
N GLU A 169 -18.66 9.86 -4.24
CA GLU A 169 -19.03 10.13 -5.66
C GLU A 169 -18.73 11.58 -6.08
N SER A 179 -22.14 9.73 6.30
CA SER A 179 -21.35 9.60 5.07
C SER A 179 -20.42 8.37 5.11
N SER A 180 -20.18 7.78 3.94
CA SER A 180 -19.33 6.60 3.81
C SER A 180 -17.90 6.86 4.27
N LEU A 181 -17.28 5.84 4.87
CA LEU A 181 -15.85 5.90 5.24
C LEU A 181 -14.92 5.66 4.03
N GLY A 182 -15.44 5.69 2.81
CA GLY A 182 -14.66 5.35 1.61
C GLY A 182 -13.52 6.32 1.22
N GLY A 183 -13.70 7.60 1.55
CA GLY A 183 -12.68 8.61 1.22
C GLY A 183 -12.80 9.22 -0.17
N LYS A 184 -11.97 10.22 -0.42
CA LYS A 184 -11.87 10.88 -1.72
C LYS A 184 -10.87 10.12 -2.59
N ILE A 185 -11.08 10.14 -3.91
CA ILE A 185 -10.12 9.56 -4.87
C ILE A 185 -8.72 10.19 -4.65
N PRO A 186 -7.69 9.35 -4.49
CA PRO A 186 -6.32 9.85 -4.28
C PRO A 186 -5.68 10.27 -5.60
N ILE A 187 -5.92 11.54 -5.97
CA ILE A 187 -5.60 12.06 -7.30
C ILE A 187 -4.16 11.73 -7.74
N ARG A 188 -3.18 11.99 -6.87
CA ARG A 188 -1.74 11.82 -7.22
C ARG A 188 -1.31 10.38 -7.54
N TRP A 189 -2.12 9.41 -7.09
CA TRP A 189 -1.80 7.99 -7.28
C TRP A 189 -2.70 7.31 -8.34
N THR A 190 -3.69 8.06 -8.86
CA THR A 190 -4.80 7.47 -9.65
C THR A 190 -4.60 7.62 -11.17
N ALA A 191 -4.82 6.52 -11.89
CA ALA A 191 -4.69 6.48 -13.32
C ALA A 191 -5.69 7.47 -13.95
N PRO A 192 -5.32 8.07 -15.07
CA PRO A 192 -6.17 9.10 -15.71
C PRO A 192 -7.59 8.63 -16.04
N GLU A 193 -7.74 7.38 -16.49
CA GLU A 193 -9.08 6.86 -16.79
C GLU A 193 -9.93 6.60 -15.54
N ALA A 194 -9.28 6.30 -14.41
CA ALA A 194 -9.94 6.12 -13.12
C ALA A 194 -10.43 7.46 -12.56
N ILE A 195 -9.62 8.53 -12.72
CA ILE A 195 -10.06 9.88 -12.33
C ILE A 195 -11.24 10.31 -13.23
N ALA A 196 -11.08 10.11 -14.54
CA ALA A 196 -12.03 10.64 -15.55
C ALA A 196 -13.33 9.86 -15.54
N PHE A 197 -13.24 8.53 -15.50
CA PHE A 197 -14.42 7.68 -15.69
C PHE A 197 -14.81 6.79 -14.48
N ARG A 198 -14.03 6.90 -13.40
CA ARG A 198 -14.16 6.05 -12.22
C ARG A 198 -14.10 4.54 -12.57
N LYS A 199 -13.32 4.20 -13.59
CA LYS A 199 -13.09 2.80 -13.95
C LYS A 199 -11.78 2.34 -13.30
N PHE A 200 -11.93 1.64 -12.19
CA PHE A 200 -10.79 1.11 -11.44
C PHE A 200 -10.59 -0.36 -11.77
N THR A 201 -9.37 -0.68 -12.21
CA THR A 201 -9.01 -2.04 -12.60
C THR A 201 -7.61 -2.35 -12.03
N SER A 202 -7.17 -3.58 -12.20
CA SER A 202 -5.78 -3.94 -11.86
C SER A 202 -4.77 -3.09 -12.74
N ALA A 203 -5.18 -2.68 -13.95
CA ALA A 203 -4.37 -1.82 -14.79
C ALA A 203 -4.26 -0.40 -14.23
N SER A 204 -5.30 0.10 -13.56
CA SER A 204 -5.20 1.40 -12.87
C SER A 204 -4.34 1.24 -11.62
N ASP A 205 -4.41 0.07 -10.96
CA ASP A 205 -3.49 -0.22 -9.85
C ASP A 205 -2.01 -0.23 -10.32
N ALA A 206 -1.75 -0.71 -11.54
CA ALA A 206 -0.40 -0.71 -12.13
C ALA A 206 0.16 0.71 -12.29
N TRP A 207 -0.73 1.65 -12.67
CA TRP A 207 -0.38 3.07 -12.71
C TRP A 207 0.08 3.52 -11.31
N SER A 208 -0.75 3.25 -10.31
CA SER A 208 -0.43 3.61 -8.89
C SER A 208 0.88 2.98 -8.43
N TYR A 209 1.10 1.74 -8.86
CA TYR A 209 2.33 1.03 -8.53
C TYR A 209 3.55 1.79 -9.07
N GLY A 210 3.48 2.29 -10.30
CA GLY A 210 4.51 3.20 -10.81
C GLY A 210 4.80 4.41 -9.94
N ILE A 211 3.76 5.07 -9.44
CA ILE A 211 3.89 6.14 -8.47
C ILE A 211 4.61 5.67 -7.20
N VAL A 212 4.23 4.49 -6.70
CA VAL A 212 4.87 3.90 -5.56
C VAL A 212 6.36 3.67 -5.81
N MET A 213 6.71 3.17 -7.01
CA MET A 213 8.12 3.01 -7.39
C MET A 213 8.84 4.34 -7.26
N TRP A 214 8.24 5.41 -7.80
CA TRP A 214 8.83 6.75 -7.74
C TRP A 214 8.99 7.21 -6.27
N GLU A 215 7.98 6.98 -5.45
CA GLU A 215 8.07 7.31 -4.00
C GLU A 215 9.24 6.60 -3.31
N VAL A 216 9.40 5.33 -3.63
CA VAL A 216 10.42 4.53 -2.98
C VAL A 216 11.84 5.00 -3.43
N MET A 217 11.99 5.24 -4.75
CA MET A 217 13.30 5.68 -5.30
C MET A 217 13.65 7.13 -4.92
N SER A 218 12.65 7.89 -4.49
N SER A 218 12.64 7.89 -4.50
CA SER A 218 12.82 9.24 -3.99
CA SER A 218 12.80 9.25 -3.98
C SER A 218 12.84 9.31 -2.46
C SER A 218 12.86 9.32 -2.46
N PHE A 219 12.92 8.15 -1.79
CA PHE A 219 12.89 8.06 -0.32
C PHE A 219 11.72 8.82 0.32
N GLY A 220 10.52 8.65 -0.24
CA GLY A 220 9.31 9.19 0.36
C GLY A 220 8.99 10.65 0.07
N GLU A 221 9.53 11.22 -1.00
CA GLU A 221 9.09 12.51 -1.49
C GLU A 221 7.65 12.38 -1.96
N ARG A 222 6.88 13.46 -1.78
CA ARG A 222 5.51 13.54 -2.24
C ARG A 222 5.45 13.57 -3.79
N PRO A 223 4.64 12.66 -4.41
CA PRO A 223 4.49 12.71 -5.87
C PRO A 223 4.01 14.08 -6.37
N TYR A 224 4.68 14.65 -7.36
CA TYR A 224 4.32 15.94 -7.95
C TYR A 224 4.34 17.01 -6.85
N TRP A 225 5.42 17.07 -6.06
CA TRP A 225 5.36 17.79 -4.74
C TRP A 225 5.02 19.26 -4.92
N ASP A 226 5.41 19.80 -6.08
CA ASP A 226 5.24 21.21 -6.42
C ASP A 226 3.93 21.53 -7.17
N MET A 227 2.99 20.58 -7.19
CA MET A 227 1.74 20.74 -7.92
C MET A 227 0.54 20.46 -7.03
N SER A 228 -0.56 21.16 -7.31
CA SER A 228 -1.86 20.88 -6.67
C SER A 228 -2.47 19.65 -7.32
N ASN A 229 -3.49 19.10 -6.68
CA ASN A 229 -4.27 17.99 -7.30
C ASN A 229 -4.75 18.36 -8.72
N GLN A 230 -5.25 19.58 -8.88
CA GLN A 230 -5.71 20.00 -10.21
C GLN A 230 -4.55 20.12 -11.24
N ASP A 231 -3.42 20.67 -10.81
CA ASP A 231 -2.21 20.77 -11.66
C ASP A 231 -1.77 19.36 -12.15
N VAL A 232 -1.87 18.37 -11.26
CA VAL A 232 -1.49 16.99 -11.59
C VAL A 232 -2.43 16.39 -12.64
N ILE A 233 -3.73 16.60 -12.49
CA ILE A 233 -4.73 16.13 -13.47
C ILE A 233 -4.47 16.71 -14.88
N ASN A 234 -4.21 18.02 -14.92
CA ASN A 234 -3.89 18.74 -16.14
C ASN A 234 -2.57 18.30 -16.75
N ALA A 235 -1.54 18.10 -15.89
CA ALA A 235 -0.21 17.74 -16.36
C ALA A 235 -0.21 16.38 -17.07
N ILE A 236 -0.79 15.39 -16.40
CA ILE A 236 -0.85 14.02 -16.93
C ILE A 236 -1.59 13.94 -18.26
N GLU A 237 -2.72 14.65 -18.34
CA GLU A 237 -3.47 14.79 -19.60
C GLU A 237 -2.59 15.38 -20.70
N GLN A 238 -1.69 16.29 -20.32
CA GLN A 238 -0.76 16.94 -21.25
C GLN A 238 0.62 16.25 -21.30
N ASP A 239 0.64 14.95 -20.97
CA ASP A 239 1.77 14.05 -21.25
C ASP A 239 2.98 14.22 -20.33
N TYR A 240 2.80 15.02 -19.28
CA TYR A 240 3.81 15.14 -18.25
C TYR A 240 3.91 13.79 -17.50
N ARG A 241 5.14 13.38 -17.21
CA ARG A 241 5.39 12.24 -16.29
C ARG A 241 6.52 12.62 -15.36
N LEU A 242 6.45 12.09 -14.14
CA LEU A 242 7.48 12.37 -13.17
C LEU A 242 8.86 11.99 -13.73
N PRO A 243 9.89 12.80 -13.44
CA PRO A 243 11.27 12.54 -13.86
C PRO A 243 11.92 11.47 -13.00
N PRO A 244 13.06 10.91 -13.44
CA PRO A 244 13.75 9.94 -12.59
C PRO A 244 14.18 10.58 -11.27
N PRO A 245 13.93 9.94 -10.13
CA PRO A 245 14.52 10.50 -8.91
C PRO A 245 16.06 10.55 -9.00
N PRO A 246 16.69 11.43 -8.19
CA PRO A 246 18.14 11.44 -8.14
C PRO A 246 18.71 10.03 -7.97
N ASP A 247 19.73 9.70 -8.76
CA ASP A 247 20.46 8.44 -8.67
C ASP A 247 19.62 7.20 -9.09
N CYS A 248 18.42 7.41 -9.61
CA CYS A 248 17.55 6.28 -9.93
C CYS A 248 18.03 5.58 -11.19
N PRO A 249 18.27 4.26 -11.11
CA PRO A 249 18.56 3.50 -12.33
C PRO A 249 17.54 3.75 -13.45
N THR A 250 18.06 3.92 -14.65
CA THR A 250 17.22 4.18 -15.81
C THR A 250 16.20 3.06 -16.04
N SER A 251 16.62 1.82 -15.81
CA SER A 251 15.69 0.68 -15.98
C SER A 251 14.45 0.78 -15.08
N LEU A 252 14.63 1.25 -13.84
CA LEU A 252 13.51 1.43 -12.91
C LEU A 252 12.63 2.58 -13.39
N HIS A 253 13.25 3.68 -13.80
CA HIS A 253 12.43 4.78 -14.32
C HIS A 253 11.67 4.34 -15.58
N GLN A 254 12.29 3.54 -16.44
CA GLN A 254 11.58 3.06 -17.63
C GLN A 254 10.35 2.22 -17.27
N LEU A 255 10.50 1.38 -16.25
CA LEU A 255 9.38 0.57 -15.75
C LEU A 255 8.27 1.48 -15.20
N MET A 256 8.64 2.58 -14.53
CA MET A 256 7.66 3.59 -14.10
C MET A 256 6.87 4.12 -15.30
N LEU A 257 7.60 4.53 -16.33
CA LEU A 257 6.98 5.08 -17.55
C LEU A 257 6.04 4.06 -18.22
N ASP A 258 6.44 2.80 -18.21
CA ASP A 258 5.57 1.71 -18.72
C ASP A 258 4.26 1.62 -17.92
N CYS A 259 4.35 1.70 -16.57
CA CYS A 259 3.19 1.73 -15.69
C CYS A 259 2.30 2.95 -15.95
N TRP A 260 2.90 4.04 -16.42
CA TRP A 260 2.18 5.29 -16.68
C TRP A 260 1.78 5.51 -18.17
N GLN A 261 1.69 4.44 -18.94
CA GLN A 261 1.13 4.55 -20.30
C GLN A 261 -0.32 4.98 -20.20
N LYS A 262 -0.72 5.91 -21.07
CA LYS A 262 -2.09 6.40 -21.07
C LYS A 262 -3.05 5.26 -21.37
N ASP A 263 -2.71 4.42 -22.35
CA ASP A 263 -3.51 3.24 -22.68
C ASP A 263 -3.27 2.20 -21.59
N ARG A 264 -4.30 1.96 -20.77
CA ARG A 264 -4.20 1.04 -19.64
C ARG A 264 -3.81 -0.37 -20.09
N ASN A 265 -4.31 -0.78 -21.25
CA ASN A 265 -3.98 -2.10 -21.79
C ASN A 265 -2.52 -2.24 -22.15
N ALA A 266 -1.79 -1.13 -22.30
CA ALA A 266 -0.37 -1.14 -22.65
C ALA A 266 0.53 -1.23 -21.42
N ARG A 267 -0.02 -0.95 -20.25
CA ARG A 267 0.75 -1.08 -18.98
C ARG A 267 1.10 -2.56 -18.70
N PRO A 268 2.28 -2.80 -18.09
CA PRO A 268 2.57 -4.15 -17.61
C PRO A 268 1.53 -4.64 -16.59
N ARG A 269 1.22 -5.92 -16.68
CA ARG A 269 0.46 -6.59 -15.62
C ARG A 269 1.44 -6.94 -14.46
N PHE A 270 0.91 -7.17 -13.27
CA PHE A 270 1.74 -7.44 -12.09
C PHE A 270 2.68 -8.64 -12.22
N PRO A 271 2.28 -9.71 -12.92
CA PRO A 271 3.28 -10.76 -13.12
C PRO A 271 4.53 -10.28 -13.90
N GLN A 272 4.29 -9.43 -14.92
CA GLN A 272 5.35 -8.84 -15.74
C GLN A 272 6.18 -7.84 -14.89
N VAL A 273 5.50 -7.08 -14.04
CA VAL A 273 6.22 -6.20 -13.06
C VAL A 273 7.19 -6.99 -12.17
N VAL A 274 6.70 -8.08 -11.56
CA VAL A 274 7.55 -8.93 -10.72
C VAL A 274 8.72 -9.49 -11.55
N SER A 275 8.41 -9.99 -12.75
CA SER A 275 9.40 -10.60 -13.57
C SER A 275 10.49 -9.56 -13.95
N ALA A 276 10.09 -8.33 -14.23
CA ALA A 276 11.07 -7.27 -14.57
C ALA A 276 11.98 -6.95 -13.38
N LEU A 277 11.42 -6.90 -12.17
CA LEU A 277 12.20 -6.65 -10.96
C LEU A 277 13.15 -7.81 -10.63
N ASP A 278 12.65 -9.02 -10.80
CA ASP A 278 13.52 -10.19 -10.64
C ASP A 278 14.71 -10.20 -11.61
N LYS A 279 14.53 -9.74 -12.83
CA LYS A 279 15.62 -9.72 -13.82
C LYS A 279 16.68 -8.70 -13.39
N MET A 280 16.22 -7.56 -12.87
CA MET A 280 17.13 -6.55 -12.31
C MET A 280 17.95 -7.09 -11.15
N ILE A 281 17.27 -7.83 -10.26
CA ILE A 281 17.90 -8.41 -9.09
C ILE A 281 18.94 -9.47 -9.50
N ARG A 282 18.63 -10.24 -10.55
CA ARG A 282 19.56 -11.23 -11.14
C ARG A 282 20.76 -10.58 -11.83
N ASN A 283 20.52 -9.42 -12.41
CA ASN A 283 21.49 -8.71 -13.25
C ASN A 283 21.77 -7.32 -12.70
N PRO A 284 22.28 -7.24 -11.45
CA PRO A 284 22.39 -5.94 -10.78
C PRO A 284 23.27 -4.88 -11.49
N ALA A 285 24.16 -5.30 -12.38
CA ALA A 285 24.93 -4.34 -13.20
C ALA A 285 24.01 -3.46 -14.04
N SER A 286 22.86 -3.98 -14.44
CA SER A 286 21.86 -3.22 -15.19
C SER A 286 21.38 -1.98 -14.41
N LEU A 287 21.33 -2.10 -13.09
CA LEU A 287 20.94 -1.00 -12.19
C LEU A 287 21.97 0.14 -12.08
N LYS A 288 23.20 -0.08 -12.58
CA LYS A 288 24.25 0.95 -12.52
C LYS A 288 24.03 2.11 -13.51
N ILE A 289 23.26 1.87 -14.58
CA ILE A 289 22.96 2.90 -15.59
C ILE A 289 21.96 3.92 -15.01
N VAL A 290 22.40 5.17 -14.86
CA VAL A 290 21.56 6.28 -14.35
C VAL A 290 21.73 7.47 -15.34
N ALA A 291 20.67 8.27 -15.54
CA ALA A 291 20.70 9.33 -16.58
C ALA A 291 21.62 10.50 -16.23
#